data_6GYT
#
_entry.id   6GYT
#
_cell.length_a   49.640
_cell.length_b   83.710
_cell.length_c   165.620
_cell.angle_alpha   90.00
_cell.angle_beta   90.00
_cell.angle_gamma   90.00
#
_symmetry.space_group_name_H-M   'P 21 21 21'
#
loop_
_entity.id
_entity.type
_entity.pdbx_description
1 polymer 'Histone acetyltransferase p300'
2 polymer 'Histone acetyltransferase p300'
3 polymer 'Histone H4'
4 non-polymer 'ZINC ION'
5 water water
#
loop_
_entity_poly.entity_id
_entity_poly.type
_entity_poly.pdbx_seq_one_letter_code
_entity_poly.pdbx_strand_id
1 'polypeptide(L)'
;KIFKPEELRQALMPTLEALYRQDPESLPFRQPVDPQLLGIPDYFDIVKSPMDLSTIKRKLDTGQYQEPWQYVDDIWLMFN
NAWLYNRKTSRVYKYCSKLSEVFEQEIDPVMQSLGYCCGRKLGELFVECTECGRKMHQICVLHHEIIWPAGFVCDGCLKK
S
;
A
2 'polypeptide(L)'
;AGKAFKPEELRQALMPTLEALYRQDPESLPFRQPVDPQLLGIPDYFDIVKSPMDLSTIKRKLDTGQYQEPWQYVDDIWLM
FNNAWLYNRKTSAVYKYCSKLSEVFEQEIDPVMQSLGYCCGRKLGELFVECTECGRKMHQICVLHHEIIWPAGFVCDGCL
KKSARTRK
;
B
3 'polypeptide(L)' GLG(ALY)GGA(ALY)A C
#
loop_
_chem_comp.id
_chem_comp.type
_chem_comp.name
_chem_comp.formula
ZN non-polymer 'ZINC ION' 'Zn 2'
#
# COMPACT_ATOMS: atom_id res chain seq x y z
N LYS A 1 -7.44 -17.31 -13.96
CA LYS A 1 -5.95 -17.45 -13.96
C LYS A 1 -5.52 -18.79 -13.36
N ILE A 2 -4.66 -19.50 -14.08
CA ILE A 2 -3.96 -20.67 -13.58
C ILE A 2 -2.45 -20.31 -13.37
N PHE A 3 -2.02 -20.44 -12.11
CA PHE A 3 -0.63 -20.23 -11.71
C PHE A 3 0.14 -21.52 -11.96
N LYS A 4 1.46 -21.41 -12.09
CA LYS A 4 2.31 -22.61 -12.13
C LYS A 4 2.24 -23.32 -10.77
N PRO A 5 2.17 -24.67 -10.74
CA PRO A 5 2.09 -25.37 -9.42
C PRO A 5 3.22 -25.02 -8.45
N GLU A 6 4.43 -24.82 -8.98
CA GLU A 6 5.60 -24.48 -8.16
C GLU A 6 5.53 -23.06 -7.58
N GLU A 7 4.97 -22.14 -8.35
CA GLU A 7 4.76 -20.75 -7.92
C GLU A 7 3.83 -20.70 -6.70
N LEU A 8 2.76 -21.47 -6.75
CA LEU A 8 1.79 -21.56 -5.63
C LEU A 8 2.38 -22.22 -4.39
N ARG A 9 3.08 -23.33 -4.54
CA ARG A 9 3.66 -23.96 -3.34
C ARG A 9 4.73 -23.08 -2.71
N GLN A 10 5.57 -22.40 -3.50
CA GLN A 10 6.56 -21.47 -2.91
C GLN A 10 5.88 -20.37 -2.11
N ALA A 11 4.83 -19.79 -2.67
CA ALA A 11 4.12 -18.70 -2.01
C ALA A 11 3.36 -19.17 -0.78
N LEU A 12 2.63 -20.29 -0.90
CA LEU A 12 1.62 -20.68 0.09
C LEU A 12 2.09 -21.64 1.20
N MET A 13 3.09 -22.47 0.90
CA MET A 13 3.61 -23.44 1.87
C MET A 13 4.09 -22.79 3.17
N PRO A 14 4.72 -21.59 3.14
CA PRO A 14 5.04 -20.94 4.42
C PRO A 14 3.83 -20.73 5.33
N THR A 15 2.64 -20.47 4.77
CA THR A 15 1.44 -20.30 5.59
C THR A 15 0.95 -21.64 6.21
N LEU A 16 1.00 -22.70 5.42
CA LEU A 16 0.74 -24.04 5.90
C LEU A 16 1.76 -24.43 6.98
N GLU A 17 3.03 -24.13 6.75
CA GLU A 17 4.08 -24.46 7.73
C GLU A 17 3.87 -23.73 9.05
N ALA A 18 3.39 -22.49 9.01
CA ALA A 18 3.06 -21.76 10.25
C ALA A 18 2.06 -22.52 11.13
N LEU A 19 1.12 -23.21 10.50
CA LEU A 19 0.12 -24.00 11.21
C LEU A 19 0.77 -25.25 11.79
N TYR A 20 1.52 -26.00 10.98
CA TYR A 20 2.27 -27.16 11.48
C TYR A 20 3.17 -26.81 12.69
N ARG A 21 3.77 -25.62 12.68
CA ARG A 21 4.61 -25.13 13.79
C ARG A 21 3.91 -25.01 15.14
N GLN A 22 2.58 -24.88 15.15
CA GLN A 22 1.85 -24.69 16.39
C GLN A 22 1.73 -26.00 17.18
N ASP A 23 2.51 -26.12 18.25
CA ASP A 23 2.50 -27.31 19.11
C ASP A 23 1.94 -26.91 20.49
N PRO A 24 0.85 -27.53 20.98
CA PRO A 24 0.21 -28.72 20.43
C PRO A 24 -1.00 -28.47 19.51
N GLU A 25 -1.34 -27.21 19.24
CA GLU A 25 -2.62 -26.88 18.61
C GLU A 25 -2.85 -27.54 17.27
N SER A 26 -1.80 -27.85 16.52
CA SER A 26 -1.95 -28.44 15.18
C SER A 26 -2.04 -29.94 15.14
N LEU A 27 -1.68 -30.63 16.23
CA LEU A 27 -1.59 -32.09 16.22
C LEU A 27 -2.90 -32.79 15.84
N PRO A 28 -4.05 -32.32 16.35
CA PRO A 28 -5.32 -32.91 15.89
C PRO A 28 -5.68 -32.65 14.42
N PHE A 29 -4.92 -31.81 13.73
CA PHE A 29 -5.22 -31.44 12.35
C PHE A 29 -4.25 -31.99 11.32
N ARG A 30 -3.26 -32.76 11.76
CA ARG A 30 -2.22 -33.25 10.84
C ARG A 30 -2.61 -34.43 9.99
N GLN A 31 -3.47 -35.32 10.49
CA GLN A 31 -3.98 -36.42 9.67
C GLN A 31 -5.49 -36.29 9.48
N PRO A 32 -6.03 -36.98 8.46
CA PRO A 32 -7.49 -37.01 8.36
C PRO A 32 -8.03 -37.70 9.57
N VAL A 33 -9.19 -37.23 10.03
CA VAL A 33 -9.85 -37.84 11.16
C VAL A 33 -10.23 -39.26 10.76
N ASP A 34 -9.81 -40.25 11.56
CA ASP A 34 -10.23 -41.64 11.42
C ASP A 34 -11.29 -41.92 12.50
N PRO A 35 -12.57 -41.94 12.12
CA PRO A 35 -13.61 -42.11 13.15
C PRO A 35 -13.58 -43.45 13.89
N GLN A 36 -13.25 -44.54 13.19
CA GLN A 36 -12.99 -45.86 13.84
C GLN A 36 -11.91 -45.69 14.94
N LEU A 37 -10.69 -45.28 14.60
CA LEU A 37 -9.63 -45.18 15.60
C LEU A 37 -9.96 -44.27 16.81
N LEU A 38 -10.67 -43.17 16.58
CA LEU A 38 -11.07 -42.23 17.66
C LEU A 38 -12.39 -42.59 18.38
N GLY A 39 -13.15 -43.54 17.86
CA GLY A 39 -14.40 -43.95 18.47
C GLY A 39 -15.53 -42.94 18.35
N ILE A 40 -15.62 -42.26 17.21
CA ILE A 40 -16.69 -41.30 16.98
C ILE A 40 -17.32 -41.45 15.58
N PRO A 41 -18.08 -42.56 15.38
CA PRO A 41 -18.81 -42.72 14.13
C PRO A 41 -19.71 -41.53 13.74
N ASP A 42 -20.24 -40.77 14.71
CA ASP A 42 -21.01 -39.55 14.41
C ASP A 42 -20.24 -38.43 13.69
N TYR A 43 -18.94 -38.61 13.46
CA TYR A 43 -18.18 -37.66 12.65
C TYR A 43 -18.76 -37.54 11.26
N PHE A 44 -18.88 -38.68 10.56
CA PHE A 44 -19.55 -38.80 9.26
C PHE A 44 -20.92 -38.10 9.12
N ASP A 45 -21.71 -38.20 10.18
CA ASP A 45 -23.03 -37.57 10.28
C ASP A 45 -22.95 -36.04 10.33
N ILE A 46 -21.94 -35.48 10.96
CA ILE A 46 -21.80 -34.02 11.12
C ILE A 46 -20.93 -33.38 10.01
N VAL A 47 -19.84 -34.05 9.64
CA VAL A 47 -18.87 -33.52 8.69
C VAL A 47 -18.99 -34.24 7.36
N LYS A 48 -19.49 -33.50 6.38
CA LYS A 48 -19.69 -34.01 5.04
C LYS A 48 -18.41 -33.95 4.20
N SER A 49 -17.61 -32.88 4.32
CA SER A 49 -16.38 -32.73 3.51
C SER A 49 -15.12 -32.64 4.38
N PRO A 50 -14.53 -33.80 4.72
CA PRO A 50 -13.37 -33.76 5.59
C PRO A 50 -12.15 -33.12 4.91
N MET A 51 -11.30 -32.53 5.74
CA MET A 51 -10.10 -31.88 5.29
C MET A 51 -9.11 -31.82 6.44
N ASP A 52 -7.83 -31.86 6.13
CA ASP A 52 -6.80 -31.75 7.14
C ASP A 52 -5.50 -31.32 6.47
N LEU A 53 -4.53 -30.99 7.30
CA LEU A 53 -3.27 -30.44 6.84
C LEU A 53 -2.54 -31.34 5.88
N SER A 54 -2.54 -32.66 6.12
CA SER A 54 -1.82 -33.57 5.21
C SER A 54 -2.40 -33.55 3.80
N THR A 55 -3.71 -33.39 3.71
CA THR A 55 -4.40 -33.40 2.42
C THR A 55 -4.12 -32.11 1.64
N ILE A 56 -4.18 -31.00 2.35
CA ILE A 56 -3.81 -29.71 1.81
C ILE A 56 -2.36 -29.74 1.29
N LYS A 57 -1.46 -30.30 2.08
CA LYS A 57 -0.06 -30.43 1.69
C LYS A 57 0.10 -31.26 0.42
N ARG A 58 -0.53 -32.43 0.38
CA ARG A 58 -0.45 -33.28 -0.83
C ARG A 58 -0.93 -32.51 -2.06
N LYS A 59 -1.94 -31.66 -1.89
CA LYS A 59 -2.52 -30.93 -3.01
C LYS A 59 -1.57 -29.84 -3.55
N LEU A 60 -0.92 -29.10 -2.66
CA LEU A 60 0.14 -28.19 -3.06
C LEU A 60 1.27 -28.92 -3.77
N ASP A 61 1.68 -30.04 -3.19
CA ASP A 61 2.82 -30.82 -3.70
C ASP A 61 2.56 -31.50 -5.05
N THR A 62 1.35 -31.99 -5.26
CA THR A 62 0.98 -32.61 -6.54
C THR A 62 0.42 -31.59 -7.54
N GLY A 63 0.26 -30.34 -7.10
CA GLY A 63 -0.15 -29.24 -7.98
C GLY A 63 -1.64 -29.17 -8.22
N GLN A 64 -2.44 -29.70 -7.30
CA GLN A 64 -3.89 -29.82 -7.50
C GLN A 64 -4.67 -28.51 -7.31
N TYR A 65 -4.02 -27.41 -6.93
CA TYR A 65 -4.66 -26.09 -6.95
C TYR A 65 -4.26 -25.33 -8.20
N GLN A 66 -5.21 -24.71 -8.89
CA GLN A 66 -4.90 -23.79 -10.00
C GLN A 66 -4.75 -22.35 -9.54
N GLU A 67 -5.43 -21.96 -8.47
CA GLU A 67 -5.33 -20.59 -7.94
C GLU A 67 -5.53 -20.56 -6.42
N PRO A 68 -4.99 -19.54 -5.72
CA PRO A 68 -4.86 -19.63 -4.28
C PRO A 68 -6.15 -19.58 -3.45
N TRP A 69 -7.26 -19.10 -4.01
CA TRP A 69 -8.52 -19.09 -3.24
C TRP A 69 -9.00 -20.50 -2.93
N GLN A 70 -8.66 -21.44 -3.81
CA GLN A 70 -8.93 -22.85 -3.59
C GLN A 70 -8.23 -23.35 -2.34
N TYR A 71 -6.96 -23.00 -2.22
CA TYR A 71 -6.19 -23.30 -1.00
C TYR A 71 -6.81 -22.64 0.24
N VAL A 72 -7.12 -21.36 0.16
CA VAL A 72 -7.77 -20.67 1.31
C VAL A 72 -9.06 -21.40 1.68
N ASP A 73 -9.87 -21.74 0.69
CA ASP A 73 -11.12 -22.40 0.93
C ASP A 73 -10.94 -23.74 1.68
N ASP A 74 -9.93 -24.52 1.31
CA ASP A 74 -9.65 -25.80 1.97
C ASP A 74 -9.23 -25.59 3.43
N ILE A 75 -8.38 -24.59 3.67
CA ILE A 75 -8.00 -24.21 5.03
C ILE A 75 -9.24 -23.90 5.89
N TRP A 76 -10.12 -23.04 5.39
CA TRP A 76 -11.33 -22.68 6.15
C TRP A 76 -12.31 -23.84 6.30
N LEU A 77 -12.33 -24.75 5.32
CA LEU A 77 -13.15 -25.94 5.41
C LEU A 77 -12.71 -26.77 6.64
N MET A 78 -11.41 -27.00 6.75
CA MET A 78 -10.80 -27.67 7.89
C MET A 78 -11.15 -27.00 9.23
N PHE A 79 -11.08 -25.67 9.28
CA PHE A 79 -11.41 -24.95 10.51
C PHE A 79 -12.91 -25.03 10.82
N ASN A 80 -13.75 -24.79 9.82
CA ASN A 80 -15.20 -24.82 10.02
C ASN A 80 -15.66 -26.22 10.44
N ASN A 81 -14.99 -27.26 9.95
CA ASN A 81 -15.33 -28.65 10.28
C ASN A 81 -15.05 -28.97 11.73
N ALA A 82 -13.88 -28.59 12.20
CA ALA A 82 -13.52 -28.75 13.61
C ALA A 82 -14.41 -27.89 14.54
N TRP A 83 -14.68 -26.64 14.15
CA TRP A 83 -15.60 -25.79 14.90
C TRP A 83 -17.03 -26.34 14.95
N LEU A 84 -17.46 -27.00 13.87
CA LEU A 84 -18.78 -27.59 13.80
C LEU A 84 -18.90 -28.83 14.70
N TYR A 85 -18.01 -29.80 14.53
CA TYR A 85 -18.06 -31.05 15.26
C TYR A 85 -17.80 -30.93 16.75
N ASN A 86 -16.79 -30.14 17.12
CA ASN A 86 -16.33 -30.05 18.51
C ASN A 86 -17.04 -28.92 19.24
N ARG A 87 -17.25 -29.12 20.55
CA ARG A 87 -18.03 -28.19 21.39
C ARG A 87 -17.13 -26.96 21.62
N LYS A 88 -17.74 -25.78 21.78
CA LYS A 88 -16.99 -24.52 21.98
C LYS A 88 -16.02 -24.62 23.15
N THR A 89 -16.44 -25.29 24.20
CA THR A 89 -15.62 -25.52 25.38
C THR A 89 -14.44 -26.51 25.19
N SER A 90 -14.42 -27.32 24.13
CA SER A 90 -13.37 -28.37 23.99
C SER A 90 -11.99 -27.81 23.63
N ARG A 91 -10.93 -28.55 23.96
CA ARG A 91 -9.55 -28.12 23.64
C ARG A 91 -9.35 -28.01 22.13
N VAL A 92 -9.95 -28.92 21.33
CA VAL A 92 -9.80 -28.90 19.87
C VAL A 92 -10.42 -27.66 19.21
N TYR A 93 -11.57 -27.24 19.69
CA TYR A 93 -12.21 -26.00 19.22
C TYR A 93 -11.27 -24.81 19.49
N LYS A 94 -10.79 -24.70 20.73
CA LYS A 94 -9.83 -23.65 21.10
C LYS A 94 -8.55 -23.76 20.27
N TYR A 95 -8.03 -24.96 20.07
CA TYR A 95 -6.88 -25.21 19.18
C TYR A 95 -7.19 -24.71 17.75
N CYS A 96 -8.36 -25.05 17.21
CA CYS A 96 -8.77 -24.57 15.89
C CYS A 96 -8.79 -23.05 15.81
N SER A 97 -9.40 -22.41 16.80
CA SER A 97 -9.41 -20.94 16.87
C SER A 97 -7.99 -20.37 16.83
N LYS A 98 -7.06 -21.05 17.51
CA LYS A 98 -5.68 -20.62 17.52
C LYS A 98 -5.07 -20.69 16.13
N LEU A 99 -5.33 -21.76 15.41
CA LEU A 99 -4.78 -21.90 14.07
C LEU A 99 -5.37 -20.87 13.12
N SER A 100 -6.66 -20.56 13.26
CA SER A 100 -7.31 -19.57 12.40
C SER A 100 -6.76 -18.16 12.65
N GLU A 101 -6.45 -17.83 13.90
CA GLU A 101 -5.84 -16.53 14.22
C GLU A 101 -4.49 -16.40 13.55
N VAL A 102 -3.68 -17.46 13.65
CA VAL A 102 -2.36 -17.55 13.02
C VAL A 102 -2.49 -17.46 11.51
N PHE A 103 -3.39 -18.22 10.92
CA PHE A 103 -3.57 -18.17 9.47
C PHE A 103 -3.92 -16.77 8.96
N GLU A 104 -4.81 -16.07 9.66
CA GLU A 104 -5.26 -14.73 9.26
C GLU A 104 -4.18 -13.68 9.29
N GLN A 105 -3.25 -13.77 10.25
CA GLN A 105 -2.10 -12.86 10.27
C GLN A 105 -1.10 -13.16 9.14
N GLU A 106 -0.93 -14.45 8.79
CA GLU A 106 0.02 -14.85 7.74
C GLU A 106 -0.51 -14.57 6.32
N ILE A 107 -1.78 -14.87 6.08
CA ILE A 107 -2.31 -14.98 4.73
C ILE A 107 -2.43 -13.65 3.98
N ASP A 108 -2.72 -12.54 4.67
CA ASP A 108 -2.96 -11.25 3.97
C ASP A 108 -1.75 -10.82 3.16
N PRO A 109 -0.58 -10.66 3.79
CA PRO A 109 0.63 -10.32 3.03
C PRO A 109 0.97 -11.28 1.92
N VAL A 110 0.80 -12.58 2.14
CA VAL A 110 1.18 -13.57 1.14
C VAL A 110 0.29 -13.45 -0.10
N MET A 111 -1.02 -13.31 0.12
CA MET A 111 -1.97 -13.16 -0.99
C MET A 111 -1.77 -11.84 -1.71
N GLN A 112 -1.43 -10.80 -0.97
CA GLN A 112 -1.05 -9.51 -1.56
C GLN A 112 0.14 -9.62 -2.47
N SER A 113 1.23 -10.24 -2.02
CA SER A 113 2.37 -10.46 -2.91
C SER A 113 1.99 -11.32 -4.15
N LEU A 114 0.93 -12.12 -4.08
CA LEU A 114 0.39 -12.81 -5.27
C LEU A 114 -0.57 -11.97 -6.11
N GLY A 115 -0.72 -10.68 -5.78
CA GLY A 115 -1.49 -9.72 -6.57
C GLY A 115 -2.95 -9.64 -6.22
N TYR A 116 -3.34 -10.08 -5.02
CA TYR A 116 -4.73 -10.09 -4.59
C TYR A 116 -5.02 -9.03 -3.55
N CYS A 117 -6.30 -8.69 -3.43
CA CYS A 117 -6.79 -7.64 -2.52
C CYS A 117 -6.42 -7.93 -1.09
N CYS A 118 -6.75 -9.15 -0.66
CA CYS A 118 -6.46 -9.60 0.67
C CYS A 118 -6.43 -11.14 0.69
N GLY A 119 -6.34 -11.72 1.88
CA GLY A 119 -6.43 -13.18 2.02
C GLY A 119 -7.62 -13.72 2.78
N ARG A 120 -8.42 -12.82 3.34
CA ARG A 120 -9.59 -13.15 4.12
C ARG A 120 -10.60 -13.90 3.27
N LYS A 121 -11.39 -14.75 3.93
CA LYS A 121 -12.62 -15.29 3.34
C LYS A 121 -13.78 -14.33 3.67
N LEU A 122 -14.42 -13.77 2.63
CA LEU A 122 -15.59 -12.81 2.76
C LEU A 122 -16.82 -13.41 2.01
N GLY A 123 -17.39 -12.79 0.97
CA GLY A 123 -18.50 -13.39 0.25
C GLY A 123 -18.01 -14.44 -0.75
N GLU A 124 -18.96 -14.96 -1.53
CA GLU A 124 -18.70 -15.42 -2.92
C GLU A 124 -18.91 -14.27 -3.94
N LEU A 125 -19.06 -13.02 -3.48
CA LEU A 125 -19.16 -11.83 -4.30
C LEU A 125 -17.76 -11.38 -4.77
N PHE A 126 -17.30 -11.99 -5.87
CA PHE A 126 -15.96 -11.73 -6.44
C PHE A 126 -16.08 -10.93 -7.78
N VAL A 127 -14.97 -10.30 -8.20
CA VAL A 127 -14.78 -9.72 -9.58
C VAL A 127 -13.49 -10.20 -10.17
N GLU A 128 -13.54 -10.67 -11.41
CA GLU A 128 -12.37 -11.10 -12.12
C GLU A 128 -11.73 -9.91 -12.81
N CYS A 129 -10.41 -9.80 -12.67
CA CYS A 129 -9.66 -8.82 -13.45
C CYS A 129 -9.67 -9.27 -14.90
N THR A 130 -10.01 -8.32 -15.77
CA THR A 130 -10.17 -8.60 -17.18
C THR A 130 -8.84 -8.80 -17.89
N GLU A 131 -7.72 -8.41 -17.27
CA GLU A 131 -6.41 -8.62 -17.87
C GLU A 131 -5.76 -9.93 -17.46
N CYS A 132 -5.31 -9.99 -16.23
CA CYS A 132 -4.78 -11.24 -15.66
C CYS A 132 -6.07 -11.67 -15.02
N GLY A 133 -6.38 -12.95 -14.89
CA GLY A 133 -7.73 -13.38 -14.47
C GLY A 133 -7.93 -13.60 -12.97
N ARG A 134 -7.19 -12.86 -12.15
CA ARG A 134 -7.29 -12.97 -10.70
C ARG A 134 -8.65 -12.50 -10.25
N LYS A 135 -9.14 -13.14 -9.21
CA LYS A 135 -10.44 -12.84 -8.64
C LYS A 135 -10.26 -12.10 -7.32
N MET A 136 -10.97 -10.99 -7.17
CA MET A 136 -10.87 -10.14 -5.98
C MET A 136 -12.23 -10.01 -5.32
N HIS A 137 -12.26 -9.63 -4.06
CA HIS A 137 -13.55 -9.35 -3.43
C HIS A 137 -14.11 -8.05 -4.00
N GLN A 138 -15.36 -8.08 -4.43
CA GLN A 138 -16.08 -6.86 -4.78
C GLN A 138 -15.99 -5.81 -3.69
N ILE A 139 -16.14 -6.23 -2.44
CA ILE A 139 -16.11 -5.32 -1.32
C ILE A 139 -14.72 -4.68 -1.13
N CYS A 140 -13.68 -5.38 -1.53
CA CYS A 140 -12.31 -4.87 -1.41
C CYS A 140 -11.99 -3.82 -2.52
N VAL A 141 -12.42 -4.08 -3.77
CA VAL A 141 -11.94 -3.32 -4.92
C VAL A 141 -12.93 -2.40 -5.61
N LEU A 142 -14.24 -2.60 -5.51
CA LEU A 142 -15.19 -1.74 -6.25
C LEU A 142 -15.67 -0.54 -5.46
N HIS A 143 -15.95 0.57 -6.14
CA HIS A 143 -16.34 1.82 -5.49
C HIS A 143 -17.35 2.55 -6.34
N HIS A 144 -18.36 3.13 -5.67
CA HIS A 144 -19.31 4.06 -6.26
C HIS A 144 -18.64 5.03 -7.25
N GLU A 145 -17.48 5.55 -6.88
CA GLU A 145 -16.85 6.62 -7.63
C GLU A 145 -16.07 6.20 -8.86
N ILE A 146 -15.93 4.89 -9.09
CA ILE A 146 -15.17 4.38 -10.23
C ILE A 146 -16.03 3.52 -11.15
N ILE A 147 -16.16 3.91 -12.42
CA ILE A 147 -16.82 3.10 -13.44
C ILE A 147 -15.77 2.49 -14.37
N TRP A 148 -15.90 1.19 -14.63
CA TRP A 148 -15.07 0.47 -15.60
C TRP A 148 -15.95 0.06 -16.78
N PRO A 149 -16.12 0.94 -17.78
CA PRO A 149 -16.98 0.54 -18.90
C PRO A 149 -16.52 -0.74 -19.60
N ALA A 150 -15.22 -1.03 -19.63
CA ALA A 150 -14.70 -2.23 -20.25
C ALA A 150 -14.23 -3.32 -19.27
N GLY A 151 -14.71 -3.30 -18.04
CA GLY A 151 -14.46 -4.35 -17.07
C GLY A 151 -13.37 -3.97 -16.10
N PHE A 152 -13.44 -4.56 -14.91
CA PHE A 152 -12.49 -4.27 -13.85
C PHE A 152 -11.06 -4.60 -14.24
N VAL A 153 -10.13 -3.77 -13.76
CA VAL A 153 -8.70 -4.02 -13.91
C VAL A 153 -8.03 -3.75 -12.56
N CYS A 154 -7.29 -4.75 -12.09
CA CYS A 154 -6.63 -4.69 -10.79
C CYS A 154 -5.44 -3.72 -10.87
N ASP A 155 -4.96 -3.26 -9.72
CA ASP A 155 -3.89 -2.25 -9.70
C ASP A 155 -2.58 -2.71 -10.37
N GLY A 156 -2.23 -4.00 -10.19
CA GLY A 156 -1.05 -4.56 -10.83
C GLY A 156 -1.08 -4.47 -12.34
N CYS A 157 -2.21 -4.83 -12.93
CA CYS A 157 -2.36 -4.69 -14.37
C CYS A 157 -2.39 -3.23 -14.84
N LEU A 158 -2.91 -2.33 -14.01
CA LEU A 158 -2.91 -0.90 -14.31
C LEU A 158 -1.49 -0.32 -14.35
N LYS A 159 -0.65 -0.67 -13.37
CA LYS A 159 0.76 -0.21 -13.37
C LYS A 159 1.56 -0.72 -14.58
N LYS A 160 1.27 -1.94 -15.01
CA LYS A 160 1.91 -2.54 -16.18
C LYS A 160 1.67 -1.70 -17.48
N SER A 161 0.46 -1.20 -17.69
CA SER A 161 0.13 -0.32 -18.83
C SER A 161 0.13 1.15 -18.40
N ALA B 1 -12.91 23.59 -2.28
CA ALA B 1 -11.56 23.83 -2.85
C ALA B 1 -10.43 23.71 -1.76
N GLY B 2 -9.65 22.62 -1.81
CA GLY B 2 -8.34 22.52 -1.14
C GLY B 2 -8.28 21.74 0.18
N LYS B 3 -7.08 21.24 0.54
CA LYS B 3 -6.78 20.73 1.91
C LYS B 3 -5.88 21.66 2.72
N ALA B 4 -6.22 21.95 3.97
CA ALA B 4 -5.28 22.59 4.92
C ALA B 4 -4.80 21.54 5.96
N PHE B 5 -3.49 21.27 5.95
CA PHE B 5 -2.81 20.42 6.94
C PHE B 5 -2.50 21.28 8.17
N LYS B 6 -2.24 20.64 9.30
CA LYS B 6 -1.76 21.38 10.49
C LYS B 6 -0.34 21.91 10.17
N PRO B 7 -0.02 23.18 10.55
CA PRO B 7 1.34 23.70 10.29
C PRO B 7 2.49 22.81 10.80
N GLU B 8 2.28 22.18 11.98
CA GLU B 8 3.28 21.31 12.58
C GLU B 8 3.48 19.99 11.79
N GLU B 9 2.41 19.46 11.24
CA GLU B 9 2.45 18.26 10.41
C GLU B 9 3.32 18.48 9.16
N LEU B 10 3.16 19.64 8.54
CA LEU B 10 3.94 20.01 7.35
C LEU B 10 5.42 20.26 7.65
N ARG B 11 5.70 20.99 8.73
CA ARG B 11 7.12 21.19 9.05
C ARG B 11 7.82 19.90 9.44
N GLN B 12 7.17 19.00 10.18
CA GLN B 12 7.79 17.71 10.50
C GLN B 12 8.10 16.92 9.24
N ALA B 13 7.15 16.88 8.32
CA ALA B 13 7.33 16.12 7.08
C ALA B 13 8.38 16.75 6.17
N LEU B 14 8.31 18.06 5.98
CA LEU B 14 9.05 18.75 4.91
C LEU B 14 10.45 19.30 5.28
N MET B 15 10.64 19.64 6.55
CA MET B 15 11.91 20.20 7.01
C MET B 15 13.12 19.31 6.73
N PRO B 16 12.99 17.96 6.84
CA PRO B 16 14.13 17.12 6.44
C PRO B 16 14.59 17.36 5.00
N THR B 17 13.66 17.67 4.08
CA THR B 17 14.05 17.93 2.68
C THR B 17 14.81 19.28 2.54
N LEU B 18 14.34 20.30 3.25
CA LEU B 18 15.03 21.57 3.34
C LEU B 18 16.42 21.36 3.97
N GLU B 19 16.50 20.59 5.03
CA GLU B 19 17.79 20.35 5.70
C GLU B 19 18.78 19.64 4.79
N ALA B 20 18.30 18.73 3.94
CA ALA B 20 19.19 18.08 2.95
C ALA B 20 19.90 19.09 2.03
N LEU B 21 19.21 20.18 1.70
CA LEU B 21 19.78 21.24 0.89
C LEU B 21 20.82 22.02 1.67
N TYR B 22 20.47 22.45 2.88
CA TYR B 22 21.43 23.13 3.76
C TYR B 22 22.73 22.32 3.99
N ARG B 23 22.61 20.99 4.05
CA ARG B 23 23.74 20.07 4.18
C ARG B 23 24.75 20.13 3.01
N GLN B 24 24.34 20.60 1.85
CA GLN B 24 25.23 20.64 0.68
C GLN B 24 26.25 21.75 0.77
N ASP B 25 27.52 21.42 1.07
CA ASP B 25 28.61 22.40 1.16
C ASP B 25 29.58 22.14 -0.03
N PRO B 26 29.85 23.13 -0.88
CA PRO B 26 29.46 24.55 -0.73
C PRO B 26 28.19 24.96 -1.51
N GLU B 27 27.54 24.00 -2.17
CA GLU B 27 26.53 24.33 -3.16
C GLU B 27 25.36 25.15 -2.61
N SER B 28 25.05 25.01 -1.32
CA SER B 28 23.91 25.73 -0.74
C SER B 28 24.19 27.14 -0.25
N LEU B 29 25.47 27.50 -0.09
CA LEU B 29 25.82 28.80 0.51
C LEU B 29 25.20 30.01 -0.17
N PRO B 30 25.20 30.06 -1.52
CA PRO B 30 24.52 31.17 -2.19
C PRO B 30 22.99 31.18 -2.04
N PHE B 31 22.40 30.15 -1.45
CA PHE B 31 20.95 30.04 -1.31
C PHE B 31 20.44 30.20 0.12
N ARG B 32 21.33 30.42 1.08
CA ARG B 32 20.91 30.44 2.50
C ARG B 32 20.24 31.73 2.97
N GLN B 33 20.67 32.87 2.44
CA GLN B 33 20.03 34.14 2.71
C GLN B 33 19.43 34.70 1.43
N PRO B 34 18.50 35.68 1.57
CA PRO B 34 18.03 36.33 0.35
C PRO B 34 19.21 37.04 -0.27
N VAL B 35 19.22 37.09 -1.60
CA VAL B 35 20.24 37.81 -2.33
C VAL B 35 20.09 39.28 -1.94
N ASP B 36 21.19 39.89 -1.49
CA ASP B 36 21.28 41.32 -1.23
C ASP B 36 22.04 41.94 -2.40
N PRO B 37 21.33 42.59 -3.34
CA PRO B 37 22.01 43.07 -4.52
C PRO B 37 23.07 44.17 -4.24
N GLN B 38 22.78 45.06 -3.29
CA GLN B 38 23.76 46.04 -2.80
C GLN B 38 25.05 45.34 -2.35
N LEU B 39 24.96 44.48 -1.32
CA LEU B 39 26.18 43.83 -0.80
C LEU B 39 26.99 43.05 -1.85
N LEU B 40 26.32 42.37 -2.77
CA LEU B 40 27.00 41.57 -3.81
C LEU B 40 27.35 42.32 -5.09
N GLY B 41 26.88 43.55 -5.24
CA GLY B 41 27.20 44.35 -6.43
C GLY B 41 26.53 43.86 -7.71
N ILE B 42 25.26 43.48 -7.60
CA ILE B 42 24.45 43.16 -8.80
C ILE B 42 23.07 43.85 -8.80
N PRO B 43 23.05 45.19 -8.97
CA PRO B 43 21.76 45.90 -9.07
C PRO B 43 20.75 45.33 -10.07
N ASP B 44 21.22 44.75 -11.18
CA ASP B 44 20.33 44.11 -12.16
C ASP B 44 19.58 42.85 -11.65
N TYR B 45 19.80 42.45 -10.39
CA TYR B 45 19.09 41.30 -9.83
C TYR B 45 17.57 41.52 -9.86
N PHE B 46 17.10 42.60 -9.23
CA PHE B 46 15.63 42.81 -9.19
C PHE B 46 15.01 43.13 -10.58
N ASP B 47 15.80 43.55 -11.58
CA ASP B 47 15.33 43.60 -12.98
C ASP B 47 15.04 42.22 -13.59
N ILE B 48 15.83 41.20 -13.22
CA ILE B 48 15.66 39.85 -13.75
C ILE B 48 14.76 38.96 -12.89
N VAL B 49 14.91 39.07 -11.56
CA VAL B 49 14.20 38.22 -10.61
C VAL B 49 13.12 39.02 -9.91
N LYS B 50 11.87 38.75 -10.31
CA LYS B 50 10.71 39.43 -9.77
C LYS B 50 10.20 38.86 -8.47
N SER B 51 10.27 37.53 -8.29
CA SER B 51 9.89 36.89 -7.01
C SER B 51 11.05 36.17 -6.34
N PRO B 52 11.84 36.92 -5.53
CA PRO B 52 12.99 36.26 -4.90
C PRO B 52 12.57 35.25 -3.84
N MET B 53 13.42 34.26 -3.66
CA MET B 53 13.18 33.18 -2.73
C MET B 53 14.51 32.58 -2.32
N ASP B 54 14.58 32.12 -1.09
CA ASP B 54 15.78 31.47 -0.61
C ASP B 54 15.41 30.59 0.58
N LEU B 55 16.39 29.80 1.00
CA LEU B 55 16.19 28.80 2.04
C LEU B 55 15.69 29.40 3.36
N SER B 56 16.22 30.55 3.75
CA SER B 56 15.78 31.15 5.03
C SER B 56 14.32 31.53 5.01
N THR B 57 13.85 31.97 3.85
CA THR B 57 12.45 32.42 3.69
C THR B 57 11.50 31.23 3.72
N ILE B 58 11.90 30.17 3.01
CA ILE B 58 11.18 28.92 3.05
C ILE B 58 11.09 28.39 4.50
N LYS B 59 12.20 28.42 5.22
CA LYS B 59 12.22 28.01 6.62
C LYS B 59 11.26 28.85 7.48
N ARG B 60 11.32 30.18 7.37
CA ARG B 60 10.41 31.05 8.13
C ARG B 60 8.95 30.65 7.85
N LYS B 61 8.65 30.28 6.61
CA LYS B 61 7.28 29.98 6.22
C LYS B 61 6.77 28.66 6.82
N LEU B 62 7.61 27.63 6.83
CA LEU B 62 7.33 26.41 7.56
C LEU B 62 7.13 26.68 9.04
N ASP B 63 8.02 27.46 9.61
CA ASP B 63 8.02 27.75 11.05
C ASP B 63 6.84 28.60 11.52
N THR B 64 6.43 29.58 10.71
CA THR B 64 5.28 30.43 11.04
C THR B 64 3.97 29.84 10.50
N GLY B 65 4.04 28.72 9.79
CA GLY B 65 2.86 28.00 9.32
C GLY B 65 2.23 28.58 8.08
N GLN B 66 3.00 29.28 7.26
CA GLN B 66 2.45 30.00 6.11
C GLN B 66 2.10 29.13 4.91
N TYR B 67 2.38 27.82 4.95
CA TYR B 67 1.89 26.90 3.92
C TYR B 67 0.66 26.16 4.43
N GLN B 68 -0.40 26.09 3.62
CA GLN B 68 -1.55 25.22 3.94
C GLN B 68 -1.39 23.82 3.37
N GLU B 69 -0.66 23.67 2.26
CA GLU B 69 -0.44 22.35 1.65
C GLU B 69 0.93 22.25 0.98
N PRO B 70 1.48 21.04 0.84
CA PRO B 70 2.90 20.93 0.52
C PRO B 70 3.33 21.31 -0.90
N TRP B 71 2.40 21.41 -1.86
CA TRP B 71 2.79 21.85 -3.21
C TRP B 71 3.24 23.30 -3.22
N GLN B 72 2.72 24.10 -2.29
CA GLN B 72 3.15 25.47 -2.10
C GLN B 72 4.63 25.49 -1.70
N TYR B 73 5.03 24.62 -0.79
CA TYR B 73 6.43 24.45 -0.42
C TYR B 73 7.27 23.99 -1.61
N VAL B 74 6.82 22.98 -2.34
CA VAL B 74 7.55 22.52 -3.53
C VAL B 74 7.70 23.68 -4.52
N ASP B 75 6.63 24.42 -4.73
CA ASP B 75 6.67 25.55 -5.66
C ASP B 75 7.70 26.60 -5.27
N ASP B 76 7.82 26.90 -3.97
CA ASP B 76 8.81 27.87 -3.48
C ASP B 76 10.24 27.37 -3.71
N ILE B 77 10.46 26.08 -3.44
CA ILE B 77 11.76 25.46 -3.76
C ILE B 77 12.13 25.63 -5.23
N TRP B 78 11.21 25.29 -6.14
CA TRP B 78 11.49 25.42 -7.57
C TRP B 78 11.59 26.88 -8.01
N LEU B 79 10.89 27.79 -7.33
CA LEU B 79 11.01 29.22 -7.61
C LEU B 79 12.46 29.66 -7.38
N MET B 80 13.00 29.28 -6.22
CA MET B 80 14.40 29.51 -5.87
C MET B 80 15.36 28.93 -6.91
N PHE B 81 15.12 27.71 -7.36
CA PHE B 81 15.99 27.10 -8.38
C PHE B 81 15.86 27.81 -9.73
N ASN B 82 14.62 28.05 -10.17
CA ASN B 82 14.37 28.69 -11.46
C ASN B 82 14.98 30.11 -11.48
N ASN B 83 14.96 30.80 -10.33
CA ASN B 83 15.50 32.15 -10.20
C ASN B 83 17.00 32.18 -10.37
N ALA B 84 17.70 31.27 -9.71
CA ALA B 84 19.15 31.14 -9.87
C ALA B 84 19.54 30.68 -11.28
N TRP B 85 18.80 29.72 -11.85
CA TRP B 85 19.03 29.30 -13.24
C TRP B 85 18.77 30.41 -14.25
N LEU B 86 17.81 31.30 -13.96
CA LEU B 86 17.49 32.42 -14.84
C LEU B 86 18.60 33.48 -14.79
N TYR B 87 18.91 33.97 -13.59
CA TYR B 87 19.86 35.07 -13.42
C TYR B 87 21.28 34.71 -13.81
N ASN B 88 21.75 33.53 -13.39
CA ASN B 88 23.15 33.13 -13.56
C ASN B 88 23.34 32.38 -14.87
N ARG B 89 24.54 32.53 -15.45
CA ARG B 89 24.87 31.95 -16.76
C ARG B 89 25.05 30.43 -16.54
N LYS B 90 24.72 29.63 -17.56
CA LYS B 90 24.86 28.15 -17.50
C LYS B 90 26.26 27.72 -17.06
N THR B 91 27.25 28.44 -17.55
CA THR B 91 28.66 28.26 -17.21
C THR B 91 29.04 28.57 -15.74
N SER B 92 28.25 29.36 -15.01
CA SER B 92 28.68 29.87 -13.69
C SER B 92 28.64 28.81 -12.59
N ALA B 93 29.44 29.01 -11.53
CA ALA B 93 29.46 28.10 -10.36
C ALA B 93 28.07 28.01 -9.71
N VAL B 94 27.36 29.14 -9.59
CA VAL B 94 26.03 29.19 -8.96
C VAL B 94 24.96 28.38 -9.70
N TYR B 95 24.98 28.44 -11.02
CA TYR B 95 24.09 27.63 -11.85
C TYR B 95 24.34 26.14 -11.60
N LYS B 96 25.61 25.74 -11.66
CA LYS B 96 26.00 24.36 -11.38
C LYS B 96 25.62 23.96 -9.94
N TYR B 97 25.86 24.86 -8.98
CA TYR B 97 25.42 24.65 -7.59
C TYR B 97 23.89 24.44 -7.52
N CYS B 98 23.13 25.30 -8.20
CA CYS B 98 21.67 25.17 -8.26
C CYS B 98 21.23 23.80 -8.79
N SER B 99 21.82 23.40 -9.92
CA SER B 99 21.54 22.08 -10.49
C SER B 99 21.79 20.97 -9.47
N LYS B 100 22.84 21.13 -8.68
CA LYS B 100 23.16 20.14 -7.66
C LYS B 100 22.07 20.06 -6.60
N LEU B 101 21.57 21.21 -6.16
CA LEU B 101 20.53 21.21 -5.16
C LEU B 101 19.23 20.64 -5.68
N SER B 102 18.91 20.89 -6.95
CA SER B 102 17.69 20.34 -7.55
C SER B 102 17.74 18.82 -7.67
N GLU B 103 18.91 18.28 -8.00
CA GLU B 103 19.10 16.81 -8.06
C GLU B 103 18.83 16.18 -6.70
N VAL B 104 19.40 16.78 -5.66
CA VAL B 104 19.23 16.36 -4.27
C VAL B 104 17.79 16.46 -3.85
N PHE B 105 17.15 17.60 -4.13
CA PHE B 105 15.75 17.75 -3.75
C PHE B 105 14.84 16.66 -4.37
N GLU B 106 15.06 16.35 -5.65
CA GLU B 106 14.23 15.37 -6.35
C GLU B 106 14.33 13.96 -5.81
N GLN B 107 15.50 13.55 -5.34
CA GLN B 107 15.63 12.25 -4.68
C GLN B 107 14.91 12.21 -3.30
N GLU B 108 14.95 13.32 -2.57
CA GLU B 108 14.35 13.41 -1.23
C GLU B 108 12.82 13.52 -1.26
N ILE B 109 12.30 14.36 -2.17
CA ILE B 109 10.92 14.81 -2.10
C ILE B 109 9.85 13.72 -2.39
N ASP B 110 10.17 12.75 -3.26
CA ASP B 110 9.16 11.76 -3.68
C ASP B 110 8.59 10.95 -2.50
N PRO B 111 9.47 10.28 -1.73
CA PRO B 111 8.97 9.54 -0.57
C PRO B 111 8.24 10.41 0.45
N VAL B 112 8.72 11.61 0.67
CA VAL B 112 8.12 12.49 1.68
C VAL B 112 6.69 12.88 1.28
N MET B 113 6.51 13.25 0.02
CA MET B 113 5.19 13.61 -0.50
C MET B 113 4.24 12.42 -0.52
N GLN B 114 4.78 11.25 -0.83
CA GLN B 114 4.02 10.01 -0.75
C GLN B 114 3.51 9.74 0.66
N SER B 115 4.38 9.81 1.66
CA SER B 115 3.90 9.67 3.04
C SER B 115 2.84 10.73 3.42
N LEU B 116 2.80 11.87 2.74
CA LEU B 116 1.71 12.86 2.92
C LEU B 116 0.45 12.58 2.09
N GLY B 117 0.41 11.42 1.41
CA GLY B 117 -0.76 10.95 0.67
C GLY B 117 -0.85 11.43 -0.76
N TYR B 118 0.26 11.85 -1.35
CA TYR B 118 0.29 12.36 -2.72
C TYR B 118 0.94 11.36 -3.66
N CYS B 119 0.64 11.54 -4.94
CA CYS B 119 1.10 10.65 -5.99
C CYS B 119 2.61 10.56 -6.04
N CYS B 120 3.23 11.72 -6.07
CA CYS B 120 4.68 11.84 -6.09
C CYS B 120 5.08 13.27 -5.64
N GLY B 121 6.36 13.63 -5.79
CA GLY B 121 6.86 14.94 -5.39
C GLY B 121 7.38 15.82 -6.50
N ARG B 122 7.38 15.31 -7.74
CA ARG B 122 7.73 16.13 -8.90
C ARG B 122 6.86 17.37 -9.01
N LYS B 123 7.37 18.45 -9.59
CA LYS B 123 6.74 19.77 -9.49
C LYS B 123 5.27 19.75 -10.02
N LEU B 124 4.29 20.24 -9.21
CA LEU B 124 2.86 20.10 -9.51
C LEU B 124 2.53 20.44 -10.97
N GLY B 125 2.89 21.64 -11.44
CA GLY B 125 2.60 22.06 -12.82
C GLY B 125 1.13 22.37 -13.01
N GLU B 126 0.71 22.45 -14.28
CA GLU B 126 -0.67 22.85 -14.62
C GLU B 126 -1.64 21.64 -14.69
N LEU B 127 -1.12 20.43 -14.93
CA LEU B 127 -1.96 19.25 -15.22
C LEU B 127 -2.31 18.47 -13.95
N PHE B 128 -3.13 19.07 -13.08
CA PHE B 128 -3.51 18.50 -11.78
C PHE B 128 -5.00 18.07 -11.76
N VAL B 129 -5.35 17.18 -10.82
CA VAL B 129 -6.76 16.88 -10.41
C VAL B 129 -6.86 16.97 -8.90
N GLU B 130 -7.85 17.71 -8.43
CA GLU B 130 -8.12 17.81 -7.00
C GLU B 130 -9.05 16.66 -6.60
N CYS B 131 -8.70 15.98 -5.50
CA CYS B 131 -9.56 14.95 -4.96
C CYS B 131 -10.79 15.62 -4.37
N THR B 132 -11.95 15.07 -4.73
CA THR B 132 -13.21 15.64 -4.33
C THR B 132 -13.53 15.32 -2.87
N GLU B 133 -12.83 14.37 -2.27
CA GLU B 133 -13.03 14.00 -0.85
C GLU B 133 -12.08 14.84 0.03
N CYS B 134 -10.76 14.60 -0.05
CA CYS B 134 -9.84 15.32 0.82
C CYS B 134 -9.26 16.67 0.36
N GLY B 135 -9.29 16.98 -0.93
CA GLY B 135 -8.75 18.25 -1.41
C GLY B 135 -7.31 18.23 -1.88
N ARG B 136 -6.62 17.10 -1.76
CA ARG B 136 -5.25 16.96 -2.26
C ARG B 136 -5.26 17.06 -3.76
N LYS B 137 -4.21 17.67 -4.32
CA LYS B 137 -4.06 17.82 -5.75
C LYS B 137 -3.01 16.86 -6.25
N MET B 138 -3.32 16.10 -7.28
CA MET B 138 -2.45 15.05 -7.82
C MET B 138 -2.17 15.31 -9.29
N HIS B 139 -1.10 14.73 -9.80
CA HIS B 139 -0.84 14.77 -11.22
C HIS B 139 -1.84 13.90 -11.95
N GLN B 140 -2.49 14.47 -12.95
CA GLN B 140 -3.31 13.71 -13.88
C GLN B 140 -2.56 12.48 -14.42
N ILE B 141 -1.31 12.66 -14.79
CA ILE B 141 -0.54 11.56 -15.36
C ILE B 141 -0.26 10.45 -14.33
N CYS B 142 -0.20 10.82 -13.05
CA CYS B 142 0.04 9.85 -11.99
C CYS B 142 -1.24 8.99 -11.67
N VAL B 143 -2.41 9.63 -11.64
CA VAL B 143 -3.60 9.01 -11.10
C VAL B 143 -4.74 8.70 -12.06
N LEU B 144 -4.83 9.31 -13.25
CA LEU B 144 -5.98 9.05 -14.15
C LEU B 144 -5.72 7.93 -15.13
N HIS B 145 -6.79 7.25 -15.58
CA HIS B 145 -6.64 6.11 -16.47
C HIS B 145 -7.69 6.09 -17.55
N HIS B 146 -7.21 5.80 -18.76
CA HIS B 146 -8.03 5.50 -19.94
C HIS B 146 -9.25 4.65 -19.57
N GLU B 147 -9.05 3.66 -18.69
CA GLU B 147 -10.09 2.67 -18.42
C GLU B 147 -11.19 3.09 -17.45
N ILE B 148 -11.08 4.27 -16.85
CA ILE B 148 -11.94 4.67 -15.75
C ILE B 148 -12.69 5.96 -16.02
N ILE B 149 -14.01 5.92 -15.83
CA ILE B 149 -14.85 7.12 -15.70
C ILE B 149 -15.23 7.42 -14.25
N TRP B 150 -15.18 8.70 -13.87
CA TRP B 150 -15.45 9.18 -12.52
C TRP B 150 -16.77 9.95 -12.49
N PRO B 151 -17.90 9.26 -12.34
CA PRO B 151 -19.18 9.98 -12.41
C PRO B 151 -19.35 11.10 -11.41
N ALA B 152 -18.73 10.99 -10.23
CA ALA B 152 -18.83 12.02 -9.20
C ALA B 152 -17.54 12.79 -8.99
N GLY B 153 -16.57 12.69 -9.90
CA GLY B 153 -15.30 13.39 -9.74
C GLY B 153 -14.21 12.51 -9.13
N PHE B 154 -12.97 12.91 -9.36
CA PHE B 154 -11.83 12.11 -8.93
C PHE B 154 -11.80 11.92 -7.40
N VAL B 155 -11.36 10.72 -7.00
CA VAL B 155 -11.12 10.36 -5.62
C VAL B 155 -9.79 9.60 -5.57
N CYS B 156 -8.90 10.07 -4.71
CA CYS B 156 -7.55 9.54 -4.59
C CYS B 156 -7.59 8.17 -3.92
N ASP B 157 -6.53 7.38 -4.10
CA ASP B 157 -6.50 6.04 -3.52
C ASP B 157 -6.59 5.99 -2.00
N GLY B 158 -5.98 6.95 -1.33
CA GLY B 158 -6.08 7.08 0.11
C GLY B 158 -7.48 7.23 0.62
N CYS B 159 -8.25 8.11 0.00
CA CYS B 159 -9.67 8.25 0.36
C CYS B 159 -10.50 6.99 0.04
N LEU B 160 -10.14 6.29 -1.03
CA LEU B 160 -10.80 5.04 -1.37
C LEU B 160 -10.55 3.92 -0.37
N LYS B 161 -9.32 3.77 0.11
CA LYS B 161 -9.00 2.77 1.17
C LYS B 161 -9.70 3.05 2.48
N LYS B 162 -9.85 4.32 2.82
CA LYS B 162 -10.55 4.74 4.03
C LYS B 162 -12.01 4.28 4.02
N SER B 163 -12.67 4.47 2.89
CA SER B 163 -14.04 3.97 2.65
C SER B 163 -14.10 2.45 2.69
N ALA B 164 -13.13 1.82 2.04
CA ALA B 164 -13.07 0.38 1.87
C ALA B 164 -12.83 -0.35 3.19
N ARG B 165 -11.85 0.11 3.96
CA ARG B 165 -11.57 -0.48 5.27
C ARG B 165 -12.76 -0.31 6.24
N THR B 166 -13.45 0.83 6.21
CA THR B 166 -14.62 1.06 7.08
C THR B 166 -15.94 0.52 6.53
N ARG B 167 -15.87 -0.36 5.53
CA ARG B 167 -16.93 -1.28 5.19
C ARG B 167 -16.85 -2.58 5.96
N LYS B 168 -15.76 -2.79 6.69
CA LYS B 168 -15.42 -4.12 7.22
C LYS B 168 -15.26 -4.07 8.71
N GLY C 1 -1.77 -34.45 20.47
CA GLY C 1 -3.15 -34.03 20.07
C GLY C 1 -4.06 -35.21 19.85
N LEU C 2 -4.67 -35.29 18.64
CA LEU C 2 -5.95 -36.00 18.39
C LEU C 2 -6.81 -35.73 19.62
N GLY C 3 -7.34 -34.52 19.80
CA GLY C 3 -7.88 -34.12 21.14
C GLY C 3 -9.38 -34.32 21.31
OH ALY C 4 -12.12 -32.14 15.02
CH ALY C 4 -11.12 -32.79 14.79
CH3 ALY C 4 -9.96 -32.15 14.11
NZ ALY C 4 -10.90 -34.07 15.09
CE ALY C 4 -11.82 -34.99 15.75
CD ALY C 4 -12.58 -34.49 16.98
CG ALY C 4 -11.70 -34.38 18.22
CB ALY C 4 -11.46 -35.73 18.89
CA ALY C 4 -11.28 -35.67 20.41
N ALY C 4 -9.87 -35.41 20.71
C ALY C 4 -11.53 -37.03 20.96
O ALY C 4 -10.81 -37.98 20.58
HH31 ALY C 4 -9.76 -32.69 13.15
HH32 ALY C 4 -9.05 -32.20 14.74
HH33 ALY C 4 -10.19 -31.08 13.87
HZ ALY C 4 -10.03 -34.46 14.83
HE3 ALY C 4 -11.24 -35.92 16.05
HE2 ALY C 4 -12.60 -35.31 14.99
HD3 ALY C 4 -13.44 -35.17 17.20
HD2 ALY C 4 -13.01 -33.48 16.75
HG3 ALY C 4 -12.17 -33.68 18.95
HG2 ALY C 4 -10.71 -33.93 17.94
HB3 ALY C 4 -10.54 -36.19 18.45
HB2 ALY C 4 -12.32 -36.42 18.65
HA ALY C 4 -11.94 -34.89 20.91
N GLY C 5 -12.57 -37.13 21.83
CA GLY C 5 -12.75 -38.23 22.81
C GLY C 5 -12.47 -39.56 22.15
N GLY C 6 -11.89 -40.47 22.92
CA GLY C 6 -11.25 -41.68 22.37
C GLY C 6 -9.81 -41.52 22.76
N ALA C 7 -9.33 -40.29 22.58
CA ALA C 7 -7.99 -39.83 22.93
C ALA C 7 -8.11 -38.66 23.93
OH ALY C 8 -5.54 -43.32 30.58
CH ALY C 8 -5.88 -42.99 29.46
CH3 ALY C 8 -7.12 -43.55 28.86
NZ ALY C 8 -5.11 -42.11 28.78
CE ALY C 8 -5.33 -41.59 27.44
CD ALY C 8 -4.80 -40.14 27.34
CG ALY C 8 -5.35 -39.40 26.11
CB ALY C 8 -5.52 -37.87 26.28
CA ALY C 8 -6.75 -37.31 25.53
N ALY C 8 -6.94 -38.09 24.28
C ALY C 8 -6.72 -35.81 25.29
O ALY C 8 -7.73 -35.15 25.57
HH31 ALY C 8 -6.87 -44.01 27.88
HH32 ALY C 8 -7.88 -42.74 28.69
HH33 ALY C 8 -7.56 -44.33 29.52
HZ ALY C 8 -4.30 -41.78 29.23
HE3 ALY C 8 -6.43 -41.61 27.19
HE2 ALY C 8 -4.78 -42.24 26.69
HD3 ALY C 8 -3.68 -40.16 27.29
HD2 ALY C 8 -5.08 -39.58 28.27
HG3 ALY C 8 -6.33 -39.85 25.84
HG2 ALY C 8 -4.66 -39.59 25.24
HB3 ALY C 8 -4.60 -37.35 25.88
HB2 ALY C 8 -5.60 -37.60 27.37
HA ALY C 8 -7.66 -37.52 26.17
N ALA C 9 -5.61 -35.25 24.77
CA ALA C 9 -5.34 -33.79 24.75
C ALA C 9 -4.72 -33.34 23.42
ZN ZN D . -10.20 -9.03 -0.50
ZN ZN E . -4.99 -8.07 -13.17
ZN ZN F . 2.53 12.84 -9.17
ZN ZN G . -8.45 12.17 -1.31
#